data_7OKT
#
_entry.id   7OKT
#
_cell.length_a   75.295
_cell.length_b   91.602
_cell.length_c   123.360
_cell.angle_alpha   90.000
_cell.angle_beta   90.000
_cell.angle_gamma   90.000
#
_symmetry.space_group_name_H-M   'C 2 2 21'
#
loop_
_entity.id
_entity.type
_entity.pdbx_description
1 polymer 'Endothelial protein C receptor'
2 branched alpha-L-fucopyranose-(1-6)-2-acetamido-2-deoxy-beta-D-glucopyranose
3 non-polymer 2-acetamido-2-deoxy-beta-D-glucopyranose
4 non-polymer 1,2-ETHANEDIOL
5 non-polymer PHOSPHATIDYLETHANOLAMINE
6 water water
#
_entity_poly.entity_id   1
_entity_poly.type   'polypeptide(L)'
_entity_poly.pdbx_seq_one_letter_code
;GPSQDASDGLQRLHMLQISYFRDPYHVWYQGNASLGGHLTHVLEGPDTNTTIIQLQPLQEPESWARTQSGLQSYLLQFHG
LVRLVHQERTLAFPLTIRCFLGCELPPEGSRAHVFFEVAVNGSSFVSFRPERALWQADTQVTSGVVTFTLQQLNAYNRTR
YELREFLEDTCVQYVQKHISAENTKGSQTSRSYTS
;
_entity_poly.pdbx_strand_id   A,B
#
loop_
_chem_comp.id
_chem_comp.type
_chem_comp.name
_chem_comp.formula
EDO non-polymer 1,2-ETHANEDIOL 'C2 H6 O2'
FUC L-saccharide, alpha linking alpha-L-fucopyranose 'C6 H12 O5'
NAG D-saccharide, beta linking 2-acetamido-2-deoxy-beta-D-glucopyranose 'C8 H15 N O6'
PTY non-polymer PHOSPHATIDYLETHANOLAMINE 'C40 H80 N O8 P'
#
# COMPACT_ATOMS: atom_id res chain seq x y z
N GLN A 11 -5.47 31.17 0.74
CA GLN A 11 -6.02 30.02 0.00
C GLN A 11 -4.95 28.94 -0.15
N ARG A 12 -4.84 28.06 0.84
CA ARG A 12 -3.83 27.01 0.82
C ARG A 12 -4.37 25.77 1.52
N LEU A 13 -4.02 24.61 0.97
CA LEU A 13 -4.04 23.32 1.65
C LEU A 13 -2.61 22.94 2.01
N HIS A 14 -2.34 22.76 3.30
CA HIS A 14 -1.08 22.23 3.80
C HIS A 14 -1.32 20.88 4.47
N MET A 15 -0.48 19.90 4.16
CA MET A 15 -0.57 18.57 4.72
C MET A 15 0.75 18.24 5.38
N LEU A 16 0.69 17.70 6.60
CA LEU A 16 1.85 17.34 7.38
C LEU A 16 1.74 15.89 7.85
N GLN A 17 2.76 15.08 7.55
CA GLN A 17 2.80 13.68 7.98
C GLN A 17 4.13 13.40 8.64
N ILE A 18 4.05 12.94 9.88
CA ILE A 18 5.18 12.36 10.61
C ILE A 18 4.96 10.86 10.75
N SER A 19 5.98 10.11 10.36
CA SER A 19 6.02 8.66 10.33
C SER A 19 7.10 8.22 11.29
N TYR A 20 6.71 7.44 12.30
CA TYR A 20 7.64 6.93 13.32
C TYR A 20 7.94 5.48 13.00
N PHE A 21 9.17 5.20 12.58
CA PHE A 21 9.55 3.83 12.25
C PHE A 21 10.34 3.25 13.44
N ARG A 22 9.80 2.18 14.04
CA ARG A 22 10.56 1.37 14.99
C ARG A 22 11.43 0.35 14.29
N ASP A 23 11.01 -0.07 13.10
CA ASP A 23 11.74 -0.99 12.24
C ASP A 23 11.12 -0.86 10.85
N PRO A 24 11.63 -1.57 9.83
CA PRO A 24 11.09 -1.38 8.47
C PRO A 24 9.61 -1.70 8.33
N TYR A 25 9.11 -2.62 9.14
CA TYR A 25 7.80 -3.24 8.96
C TYR A 25 6.71 -2.69 9.84
N HIS A 26 7.04 -1.81 10.80
CA HIS A 26 6.08 -1.18 11.71
C HIS A 26 6.32 0.32 11.78
N VAL A 27 5.31 1.09 11.38
CA VAL A 27 5.40 2.54 11.35
C VAL A 27 4.17 3.08 12.06
N TRP A 28 4.34 4.14 12.81
CA TRP A 28 3.22 4.88 13.41
C TRP A 28 3.14 6.22 12.73
N TYR A 29 1.99 6.50 12.16
CA TYR A 29 1.73 7.76 11.50
C TYR A 29 1.03 8.75 12.42
N GLN A 30 1.46 9.99 12.36
CA GLN A 30 0.69 11.07 12.96
C GLN A 30 0.72 12.26 12.00
N GLY A 31 -0.44 12.83 11.70
CA GLY A 31 -0.39 13.99 10.84
C GLY A 31 -1.70 14.76 10.83
N ASN A 32 -1.70 15.86 10.07
CA ASN A 32 -2.91 16.67 10.00
C ASN A 32 -2.86 17.50 8.71
N ALA A 33 -3.99 18.16 8.42
CA ALA A 33 -4.08 19.07 7.27
C ALA A 33 -4.87 20.28 7.70
N SER A 34 -4.57 21.39 7.04
CA SER A 34 -5.16 22.68 7.33
C SER A 34 -5.59 23.32 6.01
N LEU A 35 -6.83 23.79 5.95
CA LEU A 35 -7.39 24.50 4.82
C LEU A 35 -7.57 25.95 5.21
N GLY A 36 -6.93 26.86 4.46
CA GLY A 36 -6.69 28.16 5.07
C GLY A 36 -5.81 27.91 6.27
N GLY A 37 -6.10 28.61 7.36
CA GLY A 37 -5.36 28.31 8.58
C GLY A 37 -6.19 27.54 9.59
N HIS A 38 -7.03 26.64 9.09
CA HIS A 38 -7.98 25.92 9.93
C HIS A 38 -7.69 24.42 9.82
N LEU A 39 -7.46 23.77 10.97
CA LEU A 39 -7.27 22.33 11.02
C LEU A 39 -8.50 21.63 10.45
N THR A 40 -8.28 20.72 9.52
CA THR A 40 -9.39 20.05 8.84
C THR A 40 -9.30 18.53 8.82
N HIS A 41 -8.13 17.95 9.04
CA HIS A 41 -7.98 16.51 8.92
C HIS A 41 -6.95 16.06 9.93
N VAL A 42 -7.09 14.82 10.37
CA VAL A 42 -6.16 14.24 11.31
C VAL A 42 -5.87 12.84 10.83
N LEU A 43 -4.61 12.48 10.89
CA LEU A 43 -4.12 11.14 10.63
C LEU A 43 -3.42 10.57 11.86
N GLU A 44 -3.73 9.33 12.17
CA GLU A 44 -3.09 8.72 13.32
C GLU A 44 -3.16 7.20 13.24
N GLY A 45 -2.07 6.55 13.64
CA GLY A 45 -2.15 5.15 13.94
C GLY A 45 -1.09 4.32 13.22
N PRO A 46 -1.04 3.02 13.51
CA PRO A 46 -0.04 2.14 12.86
C PRO A 46 -0.38 1.94 11.38
N ASP A 47 0.64 1.52 10.58
CA ASP A 47 0.40 1.25 9.16
C ASP A 47 -0.72 0.22 8.93
N THR A 48 -0.89 -0.72 9.84
CA THR A 48 -1.89 -1.75 9.60
C THR A 48 -3.30 -1.31 9.93
N ASN A 49 -3.49 -0.22 10.70
CA ASN A 49 -4.85 0.33 10.84
C ASN A 49 -4.75 1.82 11.19
N THR A 50 -4.66 2.63 10.15
CA THR A 50 -4.52 4.07 10.25
C THR A 50 -5.88 4.76 10.29
N THR A 51 -5.98 5.73 11.19
CA THR A 51 -7.19 6.53 11.28
C THR A 51 -6.98 7.77 10.42
N ILE A 52 -7.96 8.08 9.57
CA ILE A 52 -7.94 9.30 8.77
C ILE A 52 -9.33 9.94 8.89
N ILE A 53 -9.36 11.16 9.41
CA ILE A 53 -10.59 11.85 9.81
C ILE A 53 -10.60 13.22 9.14
N GLN A 54 -11.74 13.57 8.53
CA GLN A 54 -12.05 14.96 8.24
C GLN A 54 -12.81 15.52 9.44
N LEU A 55 -12.27 16.56 10.07
CA LEU A 55 -12.88 17.09 11.29
C LEU A 55 -14.19 17.81 11.01
N GLN A 56 -14.24 18.55 9.93
CA GLN A 56 -15.41 19.20 9.34
C GLN A 56 -15.96 18.34 8.21
N PRO A 57 -17.27 18.24 8.04
CA PRO A 57 -17.80 17.41 6.94
C PRO A 57 -17.64 18.09 5.58
N LEU A 58 -16.40 18.23 5.12
CA LEU A 58 -16.16 18.94 3.88
C LEU A 58 -16.64 18.16 2.66
N GLN A 59 -16.37 16.86 2.62
CA GLN A 59 -16.62 16.04 1.44
C GLN A 59 -17.78 15.07 1.63
N GLU A 60 -18.51 14.84 0.53
CA GLU A 60 -19.58 13.84 0.49
C GLU A 60 -18.98 12.42 0.52
N PRO A 61 -19.77 11.42 0.95
CA PRO A 61 -19.15 10.10 1.23
C PRO A 61 -18.42 9.51 0.03
N GLU A 62 -19.03 9.51 -1.16
CA GLU A 62 -18.36 8.91 -2.33
C GLU A 62 -17.05 9.62 -2.63
N SER A 63 -16.99 10.94 -2.40
CA SER A 63 -15.74 11.67 -2.60
C SER A 63 -14.77 11.44 -1.45
N TRP A 64 -15.25 11.47 -0.20
CA TRP A 64 -14.38 11.23 0.94
C TRP A 64 -13.76 9.85 0.87
N ALA A 65 -14.56 8.85 0.48
CA ALA A 65 -14.06 7.49 0.33
C ALA A 65 -12.92 7.45 -0.68
N ARG A 66 -13.13 8.06 -1.84
CA ARG A 66 -12.03 8.12 -2.81
C ARG A 66 -10.82 8.85 -2.25
N THR A 67 -11.06 9.96 -1.55
CA THR A 67 -9.93 10.69 -0.95
C THR A 67 -9.26 9.85 0.12
N GLN A 68 -10.06 9.23 1.01
CA GLN A 68 -9.52 8.39 2.06
C GLN A 68 -8.76 7.20 1.47
N SER A 69 -9.34 6.56 0.46
CA SER A 69 -8.66 5.46 -0.21
C SER A 69 -7.36 5.94 -0.81
N GLY A 70 -7.40 7.09 -1.49
CA GLY A 70 -6.19 7.67 -2.06
C GLY A 70 -5.11 7.94 -1.04
N LEU A 71 -5.50 8.43 0.15
CA LEU A 71 -4.47 8.63 1.16
C LEU A 71 -3.88 7.29 1.59
N GLN A 72 -4.74 6.29 1.79
CA GLN A 72 -4.28 4.98 2.22
C GLN A 72 -3.36 4.36 1.17
N SER A 73 -3.67 4.53 -0.11
CA SER A 73 -2.79 4.06 -1.18
C SER A 73 -1.44 4.75 -1.18
N TYR A 74 -1.43 6.07 -0.93
CA TYR A 74 -0.17 6.82 -0.79
C TYR A 74 0.66 6.23 0.33
N LEU A 75 0.03 5.96 1.46
CA LEU A 75 0.80 5.48 2.60
C LEU A 75 1.44 4.13 2.28
N LEU A 76 0.73 3.24 1.54
CA LEU A 76 1.30 1.94 1.19
C LEU A 76 2.55 2.12 0.33
N GLN A 77 2.48 3.04 -0.64
CA GLN A 77 3.61 3.36 -1.50
C GLN A 77 4.74 3.98 -0.69
N PHE A 78 4.39 4.93 0.19
CA PHE A 78 5.37 5.55 1.08
C PHE A 78 6.11 4.52 1.91
N HIS A 79 5.37 3.64 2.60
CA HIS A 79 5.98 2.58 3.40
C HIS A 79 6.77 1.60 2.52
N GLY A 80 6.22 1.26 1.37
CA GLY A 80 6.96 0.35 0.49
C GLY A 80 8.30 0.93 0.09
N LEU A 81 8.37 2.24 -0.15
CA LEU A 81 9.64 2.89 -0.55
C LEU A 81 10.65 2.88 0.60
N VAL A 82 10.17 3.13 1.82
CA VAL A 82 11.07 3.07 2.96
C VAL A 82 11.65 1.67 3.11
N ARG A 83 10.81 0.62 2.97
CA ARG A 83 11.32 -0.75 3.07
C ARG A 83 12.35 -1.05 1.97
N LEU A 84 12.10 -0.55 0.75
CA LEU A 84 13.04 -0.80 -0.34
C LEU A 84 14.39 -0.16 -0.06
N VAL A 85 14.37 1.08 0.45
CA VAL A 85 15.61 1.78 0.81
C VAL A 85 16.35 1.02 1.90
N HIS A 86 15.62 0.55 2.93
CA HIS A 86 16.25 -0.29 3.93
C HIS A 86 16.79 -1.59 3.31
N GLN A 87 15.98 -2.22 2.45
CA GLN A 87 16.43 -3.45 1.81
C GLN A 87 17.72 -3.23 1.03
N GLU A 88 17.88 -2.05 0.41
CA GLU A 88 19.00 -1.83 -0.49
C GLU A 88 20.15 -1.07 0.15
N ARG A 89 19.88 -0.09 1.01
CA ARG A 89 20.91 0.53 1.82
C ARG A 89 20.56 0.26 3.28
N THR A 90 21.54 0.34 4.17
CA THR A 90 21.17 0.03 5.56
C THR A 90 20.63 1.28 6.26
N LEU A 91 19.39 1.22 6.75
CA LEU A 91 18.82 2.37 7.46
C LEU A 91 18.97 2.16 8.95
N ALA A 92 19.25 3.25 9.67
CA ALA A 92 19.38 3.20 11.12
C ALA A 92 18.04 3.52 11.76
N PHE A 93 17.54 2.59 12.56
CA PHE A 93 16.28 2.71 13.29
C PHE A 93 16.55 2.86 14.78
N PRO A 94 15.66 3.49 15.55
CA PRO A 94 14.37 4.08 15.14
C PRO A 94 14.61 5.34 14.32
N LEU A 95 13.69 5.69 13.42
CA LEU A 95 13.78 6.94 12.69
C LEU A 95 12.39 7.53 12.50
N THR A 96 12.36 8.84 12.38
CA THR A 96 11.14 9.59 12.08
C THR A 96 11.30 10.31 10.75
N ILE A 97 10.23 10.30 9.96
CA ILE A 97 10.17 11.02 8.69
C ILE A 97 9.03 12.02 8.74
N ARG A 98 9.31 13.23 8.29
CA ARG A 98 8.31 14.28 8.15
C ARG A 98 8.11 14.60 6.67
N CYS A 99 6.87 14.52 6.20
CA CYS A 99 6.51 15.01 4.88
C CYS A 99 5.61 16.24 5.03
N PHE A 100 5.99 17.34 4.38
CA PHE A 100 5.21 18.58 4.40
C PHE A 100 4.89 18.97 2.96
N LEU A 101 3.59 19.04 2.61
CA LEU A 101 3.22 19.20 1.20
C LEU A 101 1.93 20.00 1.07
N GLY A 102 1.63 20.42 -0.15
CA GLY A 102 0.39 21.15 -0.38
C GLY A 102 0.42 22.08 -1.58
N CYS A 103 -0.63 22.91 -1.65
CA CYS A 103 -0.82 23.79 -2.80
C CYS A 103 -1.39 25.13 -2.34
N GLU A 104 -1.06 26.21 -3.06
CA GLU A 104 -1.50 27.55 -2.70
C GLU A 104 -2.01 28.28 -3.94
N LEU A 105 -3.22 28.82 -3.85
CA LEU A 105 -3.87 29.47 -4.97
C LEU A 105 -3.68 30.98 -4.85
N PRO A 106 -3.07 31.63 -5.83
CA PRO A 106 -3.04 33.08 -5.82
C PRO A 106 -4.39 33.66 -6.17
N PRO A 107 -4.64 34.93 -5.80
CA PRO A 107 -5.79 35.70 -6.29
C PRO A 107 -5.99 35.61 -7.80
N ARG A 111 -2.19 30.64 -11.37
CA ARG A 111 -1.53 29.34 -11.31
C ARG A 111 -1.12 29.00 -9.87
N ALA A 112 -1.37 27.78 -9.46
CA ALA A 112 -1.04 27.38 -8.10
C ALA A 112 0.46 27.11 -7.92
N HIS A 113 0.95 27.43 -6.74
CA HIS A 113 2.25 26.96 -6.27
C HIS A 113 2.06 25.72 -5.39
N VAL A 114 2.80 24.65 -5.70
CA VAL A 114 2.72 23.38 -5.00
C VAL A 114 4.11 23.00 -4.53
N PHE A 115 4.18 22.17 -3.48
CA PHE A 115 5.45 21.78 -2.87
C PHE A 115 5.30 20.42 -2.19
N PHE A 116 6.45 19.77 -1.94
CA PHE A 116 6.49 18.52 -1.16
C PHE A 116 7.92 18.38 -0.65
N GLU A 117 8.10 18.53 0.66
CA GLU A 117 9.41 18.53 1.30
C GLU A 117 9.50 17.40 2.31
N VAL A 118 10.63 16.69 2.36
CA VAL A 118 10.78 15.51 3.20
C VAL A 118 11.94 15.74 4.16
N ALA A 119 11.75 15.43 5.44
CA ALA A 119 12.86 15.50 6.40
C ALA A 119 12.97 14.15 7.14
N VAL A 120 14.18 13.80 7.55
CA VAL A 120 14.46 12.56 8.25
C VAL A 120 15.14 12.89 9.58
N ASN A 121 14.58 12.38 10.68
CA ASN A 121 15.09 12.70 12.03
C ASN A 121 15.17 14.23 12.25
N GLY A 122 14.28 14.99 11.62
CA GLY A 122 14.21 16.42 11.79
C GLY A 122 15.14 17.25 10.91
N SER A 123 15.91 16.64 10.02
CA SER A 123 16.80 17.37 9.13
C SER A 123 16.35 17.27 7.67
N SER A 124 16.56 18.36 6.91
CA SER A 124 16.16 18.42 5.51
C SER A 124 16.75 17.23 4.74
N PHE A 125 15.94 16.59 3.91
CA PHE A 125 16.35 15.38 3.20
C PHE A 125 16.19 15.48 1.68
N VAL A 126 14.96 15.59 1.17
CA VAL A 126 14.70 15.71 -0.27
C VAL A 126 13.43 16.53 -0.42
N SER A 127 13.26 17.11 -1.63
CA SER A 127 12.02 17.80 -2.00
C SER A 127 11.73 17.68 -3.49
N PHE A 128 10.46 17.90 -3.81
CA PHE A 128 9.91 17.78 -5.16
C PHE A 128 10.00 19.10 -5.93
N ARG A 129 10.55 19.05 -7.15
CA ARG A 129 10.54 20.22 -8.02
C ARG A 129 9.52 19.97 -9.11
N PRO A 130 8.35 20.62 -9.07
CA PRO A 130 7.23 20.19 -9.94
C PRO A 130 7.37 20.60 -11.40
N GLU A 131 8.16 21.64 -11.74
CA GLU A 131 8.25 22.06 -13.14
C GLU A 131 8.78 20.93 -14.03
N ARG A 132 9.66 20.06 -13.52
CA ARG A 132 10.06 18.86 -14.23
C ARG A 132 9.57 17.57 -13.58
N ALA A 133 8.80 17.66 -12.51
CA ALA A 133 8.36 16.53 -11.68
C ALA A 133 9.56 15.70 -11.24
N LEU A 134 10.55 16.39 -10.67
CA LEU A 134 11.78 15.73 -10.24
C LEU A 134 12.04 16.04 -8.77
N TRP A 135 12.58 15.05 -8.07
CA TRP A 135 13.02 15.22 -6.71
C TRP A 135 14.50 15.59 -6.66
N GLN A 136 14.89 16.40 -5.66
CA GLN A 136 16.30 16.82 -5.49
C GLN A 136 16.72 16.60 -4.04
N ALA A 137 18.02 16.51 -3.80
CA ALA A 137 18.50 16.50 -2.42
C ALA A 137 18.33 17.88 -1.79
N ASP A 138 17.98 17.91 -0.49
CA ASP A 138 17.95 19.15 0.28
C ASP A 138 19.01 19.21 1.36
N THR A 139 19.92 18.24 1.41
CA THR A 139 21.05 18.27 2.33
C THR A 139 22.32 18.26 1.49
N GLN A 140 23.41 18.76 2.06
CA GLN A 140 24.72 18.76 1.44
C GLN A 140 25.60 17.61 1.95
N VAL A 141 25.03 16.69 2.70
CA VAL A 141 25.79 15.57 3.26
C VAL A 141 25.72 14.34 2.34
N SER A 143 25.58 10.84 1.48
CA SER A 143 25.00 9.59 2.01
C SER A 143 24.35 8.70 0.96
N GLY A 144 24.62 7.39 1.01
CA GLY A 144 23.99 6.47 0.08
C GLY A 144 22.46 6.43 0.20
N VAL A 145 21.94 6.74 1.38
CA VAL A 145 20.49 6.71 1.54
C VAL A 145 19.83 7.75 0.65
N VAL A 146 20.38 8.97 0.65
CA VAL A 146 19.79 10.06 -0.11
C VAL A 146 19.80 9.75 -1.60
N THR A 147 20.93 9.28 -2.11
CA THR A 147 21.05 9.03 -3.55
C THR A 147 20.16 7.89 -4.03
N PHE A 148 20.06 6.80 -3.26
CA PHE A 148 19.13 5.74 -3.65
C PHE A 148 17.68 6.20 -3.59
N THR A 149 17.28 6.92 -2.54
CA THR A 149 15.89 7.38 -2.50
C THR A 149 15.55 8.23 -3.72
N LEU A 150 16.44 9.18 -4.07
CA LEU A 150 16.14 10.02 -5.23
C LEU A 150 16.06 9.20 -6.50
N GLN A 151 16.95 8.22 -6.66
CA GLN A 151 16.87 7.37 -7.84
C GLN A 151 15.51 6.69 -7.95
N GLN A 152 15.02 6.14 -6.83
CA GLN A 152 13.72 5.46 -6.84
C GLN A 152 12.57 6.43 -7.10
N LEU A 153 12.58 7.60 -6.43
CA LEU A 153 11.49 8.57 -6.61
C LEU A 153 11.46 9.10 -8.05
N ASN A 154 12.62 9.20 -8.66
CA ASN A 154 12.65 9.76 -10.01
C ASN A 154 12.48 8.71 -11.07
N ALA A 155 12.32 7.44 -10.70
CA ALA A 155 12.29 6.37 -11.67
C ALA A 155 10.88 6.03 -12.10
N TYR A 156 9.87 6.35 -11.30
CA TYR A 156 8.53 5.85 -11.51
C TYR A 156 7.53 6.97 -11.79
N ASN A 157 6.57 6.67 -12.66
CA ASN A 157 5.54 7.65 -12.99
C ASN A 157 4.75 8.07 -11.75
N ARG A 158 4.54 7.15 -10.81
CA ARG A 158 3.70 7.46 -9.68
C ARG A 158 4.33 8.52 -8.79
N THR A 159 5.65 8.52 -8.66
CA THR A 159 6.30 9.49 -7.78
C THR A 159 6.68 10.79 -8.48
N ARG A 160 6.47 10.91 -9.79
CA ARG A 160 6.69 12.17 -10.49
C ARG A 160 5.40 12.73 -11.06
N TYR A 161 4.81 12.07 -12.05
CA TYR A 161 3.71 12.71 -12.78
C TYR A 161 2.36 12.56 -12.08
N GLU A 162 2.12 11.41 -11.46
CA GLU A 162 0.88 11.28 -10.68
C GLU A 162 0.90 12.19 -9.45
N LEU A 163 2.05 12.27 -8.76
CA LEU A 163 2.17 13.20 -7.65
C LEU A 163 2.01 14.65 -8.09
N ARG A 164 2.66 15.03 -9.19
CA ARG A 164 2.50 16.40 -9.62
C ARG A 164 1.02 16.72 -9.89
N GLU A 165 0.28 15.78 -10.49
CA GLU A 165 -1.14 16.01 -10.73
C GLU A 165 -1.93 16.13 -9.42
N PHE A 166 -1.62 15.29 -8.45
CA PHE A 166 -2.28 15.41 -7.16
C PHE A 166 -2.06 16.80 -6.56
N LEU A 167 -0.85 17.34 -6.67
CA LEU A 167 -0.59 18.67 -6.15
C LEU A 167 -1.27 19.73 -7.00
N GLU A 168 -1.17 19.63 -8.34
CA GLU A 168 -1.63 20.68 -9.26
C GLU A 168 -3.09 20.54 -9.64
N ASP A 169 -3.67 19.34 -9.54
CA ASP A 169 -5.07 19.17 -9.89
C ASP A 169 -5.93 18.82 -8.69
N THR A 170 -5.64 17.70 -8.05
CA THR A 170 -6.51 17.25 -6.97
C THR A 170 -6.49 18.23 -5.81
N CYS A 171 -5.30 18.61 -5.37
CA CYS A 171 -5.20 19.58 -4.29
C CYS A 171 -5.84 20.91 -4.66
N VAL A 172 -5.61 21.37 -5.88
CA VAL A 172 -6.12 22.68 -6.25
C VAL A 172 -7.63 22.67 -6.35
N GLN A 173 -8.20 21.60 -6.93
CA GLN A 173 -9.66 21.54 -7.00
C GLN A 173 -10.28 21.47 -5.60
N TYR A 174 -9.58 20.84 -4.65
CA TYR A 174 -10.07 20.79 -3.27
C TYR A 174 -10.13 22.18 -2.64
N VAL A 175 -9.10 23.01 -2.90
CA VAL A 175 -9.10 24.35 -2.36
C VAL A 175 -10.24 25.17 -2.99
N GLN A 176 -10.44 25.04 -4.30
CA GLN A 176 -11.51 25.79 -4.96
C GLN A 176 -12.89 25.37 -4.44
N LYS A 177 -13.10 24.06 -4.24
CA LYS A 177 -14.41 23.55 -3.88
C LYS A 177 -14.75 23.80 -2.41
N HIS A 178 -13.75 23.85 -1.52
CA HIS A 178 -14.06 23.75 -0.10
C HIS A 178 -13.67 24.95 0.76
N ILE A 179 -12.84 25.87 0.26
CA ILE A 179 -12.54 27.07 1.06
C ILE A 179 -13.82 27.88 1.24
N GLN B 11 3.06 -32.21 1.89
CA GLN B 11 3.55 -31.09 2.71
C GLN B 11 3.35 -29.75 2.01
N ARG B 12 2.09 -29.33 1.97
CA ARG B 12 1.67 -28.08 1.35
C ARG B 12 0.96 -27.18 2.37
N LEU B 13 1.24 -25.87 2.31
CA LEU B 13 0.34 -24.86 2.85
C LEU B 13 -0.33 -24.20 1.66
N HIS B 14 -1.65 -24.33 1.58
CA HIS B 14 -2.45 -23.65 0.57
C HIS B 14 -3.31 -22.60 1.25
N MET B 15 -3.34 -21.43 0.65
CA MET B 15 -4.16 -20.31 1.08
C MET B 15 -5.10 -19.90 -0.05
N LEU B 16 -6.39 -19.77 0.30
CA LEU B 16 -7.41 -19.34 -0.65
C LEU B 16 -8.12 -18.11 -0.09
N GLN B 17 -8.25 -17.07 -0.93
CA GLN B 17 -8.94 -15.83 -0.62
C GLN B 17 -9.93 -15.52 -1.72
N ILE B 18 -11.22 -15.49 -1.37
CA ILE B 18 -12.28 -15.05 -2.30
C ILE B 18 -12.69 -13.68 -1.82
N SER B 19 -12.57 -12.70 -2.71
CA SER B 19 -12.85 -11.30 -2.40
C SER B 19 -14.03 -10.88 -3.27
N TYR B 20 -15.19 -10.65 -2.62
CA TYR B 20 -16.42 -10.27 -3.34
C TYR B 20 -16.54 -8.76 -3.25
N PHE B 21 -16.37 -8.07 -4.39
CA PHE B 21 -16.43 -6.62 -4.45
C PHE B 21 -17.80 -6.21 -4.97
N ARG B 22 -18.54 -5.45 -4.15
CA ARG B 22 -19.79 -4.86 -4.60
C ARG B 22 -19.55 -3.56 -5.36
N ASP B 23 -18.46 -2.85 -5.02
CA ASP B 23 -17.98 -1.64 -5.67
C ASP B 23 -16.53 -1.50 -5.22
N PRO B 24 -15.80 -0.48 -5.68
CA PRO B 24 -14.37 -0.40 -5.32
C PRO B 24 -14.10 -0.36 -3.82
N TYR B 25 -15.02 0.18 -3.02
CA TYR B 25 -14.72 0.44 -1.62
C TYR B 25 -15.30 -0.56 -0.65
N HIS B 26 -16.14 -1.48 -1.11
CA HIS B 26 -16.82 -2.43 -0.21
C HIS B 26 -16.58 -3.85 -0.67
N VAL B 27 -15.88 -4.62 0.17
CA VAL B 27 -15.53 -5.99 -0.19
C VAL B 27 -15.84 -6.93 0.96
N TRP B 28 -16.34 -8.11 0.61
CA TRP B 28 -16.53 -9.18 1.56
C TRP B 28 -15.52 -10.29 1.22
N TYR B 29 -14.68 -10.62 2.20
CA TYR B 29 -13.68 -11.67 2.08
C TYR B 29 -14.22 -12.98 2.62
N GLN B 30 -13.89 -14.08 1.91
CA GLN B 30 -14.15 -15.43 2.40
C GLN B 30 -13.00 -16.33 1.98
N GLY B 31 -12.49 -17.12 2.91
CA GLY B 31 -11.36 -17.96 2.58
C GLY B 31 -10.89 -18.80 3.73
N ASN B 32 -9.79 -19.50 3.45
CA ASN B 32 -9.21 -20.40 4.45
C ASN B 32 -7.78 -20.72 4.03
N ALA B 33 -7.13 -21.52 4.87
CA ALA B 33 -5.81 -22.06 4.61
C ALA B 33 -5.82 -23.50 5.12
N SER B 34 -5.07 -24.35 4.42
CA SER B 34 -4.99 -25.75 4.75
C SER B 34 -3.53 -26.18 4.79
N LEU B 35 -3.15 -26.81 5.88
CA LEU B 35 -1.81 -27.34 6.10
C LEU B 35 -1.91 -28.86 6.02
N GLY B 36 -1.15 -29.47 5.13
CA GLY B 36 -1.63 -30.75 4.68
C GLY B 36 -2.98 -30.55 4.05
N GLY B 37 -3.87 -31.50 4.25
CA GLY B 37 -5.22 -31.33 3.76
C GLY B 37 -6.18 -31.03 4.89
N HIS B 38 -5.74 -30.22 5.85
CA HIS B 38 -6.49 -29.93 7.05
C HIS B 38 -6.71 -28.43 7.17
N LEU B 39 -7.97 -28.03 7.31
CA LEU B 39 -8.30 -26.63 7.56
C LEU B 39 -7.51 -26.12 8.77
N THR B 40 -6.78 -25.02 8.61
CA THR B 40 -6.02 -24.49 9.72
C THR B 40 -6.36 -23.05 10.00
N HIS B 41 -6.96 -22.35 9.04
CA HIS B 41 -7.26 -20.93 9.18
C HIS B 41 -8.52 -20.61 8.41
N VAL B 42 -9.20 -19.58 8.84
CA VAL B 42 -10.46 -19.16 8.23
C VAL B 42 -10.37 -17.66 8.04
N LEU B 43 -10.79 -17.20 6.86
CA LEU B 43 -10.85 -15.77 6.51
C LEU B 43 -12.32 -15.47 6.25
N GLU B 44 -12.82 -14.39 6.84
CA GLU B 44 -14.23 -14.04 6.61
C GLU B 44 -14.49 -12.62 7.09
N GLY B 45 -15.36 -11.89 6.38
CA GLY B 45 -15.90 -10.64 6.88
C GLY B 45 -15.69 -9.43 5.95
N PRO B 46 -16.26 -8.28 6.30
CA PRO B 46 -16.11 -7.09 5.45
C PRO B 46 -14.75 -6.41 5.57
N ASP B 47 -14.46 -5.52 4.58
CA ASP B 47 -13.22 -4.73 4.64
C ASP B 47 -13.14 -3.89 5.92
N THR B 48 -14.28 -3.48 6.48
CA THR B 48 -14.31 -2.66 7.68
C THR B 48 -13.99 -3.45 8.95
N ASN B 49 -14.23 -4.75 8.96
CA ASN B 49 -13.78 -5.59 10.08
C ASN B 49 -13.63 -7.01 9.54
N THR B 50 -12.43 -7.34 9.06
CA THR B 50 -12.18 -8.62 8.44
C THR B 50 -11.65 -9.58 9.47
N THR B 51 -12.21 -10.79 9.51
CA THR B 51 -11.76 -11.78 10.46
C THR B 51 -10.74 -12.75 9.85
N ILE B 52 -9.63 -12.98 10.55
CA ILE B 52 -8.70 -14.04 10.17
C ILE B 52 -8.31 -14.77 11.43
N ILE B 53 -8.64 -16.05 11.51
CA ILE B 53 -8.56 -16.82 12.75
C ILE B 53 -7.75 -18.08 12.53
N GLN B 54 -6.84 -18.41 13.46
CA GLN B 54 -6.27 -19.74 13.35
C GLN B 54 -7.20 -20.72 14.03
N LEU B 55 -7.86 -21.54 13.20
CA LEU B 55 -8.86 -22.51 13.61
C LEU B 55 -8.20 -23.67 14.33
N GLN B 56 -7.06 -24.11 13.84
CA GLN B 56 -6.29 -24.85 14.83
C GLN B 56 -5.27 -23.89 15.41
N PRO B 57 -5.17 -23.69 16.74
CA PRO B 57 -4.24 -22.65 17.24
C PRO B 57 -2.78 -23.07 17.14
N LEU B 58 -2.28 -23.19 15.90
CA LEU B 58 -0.93 -23.73 15.71
C LEU B 58 0.14 -22.77 16.20
N GLN B 59 -0.06 -21.46 16.09
CA GLN B 59 0.90 -20.48 16.58
C GLN B 59 0.47 -19.99 17.97
N GLU B 60 1.44 -19.77 18.85
CA GLU B 60 1.14 -19.13 20.12
C GLU B 60 0.82 -17.66 19.90
N PRO B 61 0.08 -17.04 20.85
CA PRO B 61 -0.56 -15.75 20.54
C PRO B 61 0.39 -14.67 20.05
N GLU B 62 1.57 -14.51 20.65
CA GLU B 62 2.50 -13.46 20.19
C GLU B 62 2.94 -13.70 18.75
N SER B 63 3.12 -14.95 18.39
CA SER B 63 3.56 -15.27 17.04
C SER B 63 2.42 -15.10 16.04
N TRP B 64 1.20 -15.54 16.39
CA TRP B 64 0.05 -15.35 15.50
C TRP B 64 -0.23 -13.87 15.26
N ALA B 65 -0.11 -13.05 16.32
CA ALA B 65 -0.34 -11.61 16.20
C ALA B 65 0.56 -11.01 15.14
N ARG B 66 1.85 -11.38 15.16
CA ARG B 66 2.80 -10.92 14.14
C ARG B 66 2.40 -11.36 12.75
N THR B 67 1.96 -12.59 12.61
CA THR B 67 1.48 -13.08 11.31
C THR B 67 0.26 -12.32 10.84
N GLN B 68 -0.67 -12.04 11.76
CA GLN B 68 -1.87 -11.27 11.47
C GLN B 68 -1.53 -9.90 10.91
N SER B 69 -0.56 -9.23 11.52
CA SER B 69 -0.23 -7.92 11.00
C SER B 69 0.22 -8.00 9.55
N GLY B 70 1.10 -8.96 9.22
CA GLY B 70 1.45 -9.16 7.81
C GLY B 70 0.23 -9.44 6.95
N LEU B 71 -0.69 -10.24 7.45
CA LEU B 71 -1.90 -10.50 6.67
C LEU B 71 -2.72 -9.24 6.48
N GLN B 72 -2.81 -8.39 7.53
CA GLN B 72 -3.55 -7.12 7.42
C GLN B 72 -2.89 -6.20 6.40
N SER B 73 -1.55 -6.13 6.41
CA SER B 73 -0.86 -5.32 5.38
C SER B 73 -1.16 -5.84 3.98
N TYR B 74 -1.16 -7.16 3.81
CA TYR B 74 -1.47 -7.75 2.50
C TYR B 74 -2.87 -7.34 2.03
N LEU B 75 -3.87 -7.42 2.91
CA LEU B 75 -5.26 -7.10 2.51
C LEU B 75 -5.40 -5.66 2.10
N LEU B 76 -4.75 -4.76 2.85
CA LEU B 76 -4.74 -3.35 2.46
C LEU B 76 -4.09 -3.16 1.08
N GLN B 77 -2.93 -3.78 0.87
CA GLN B 77 -2.26 -3.65 -0.43
C GLN B 77 -3.11 -4.27 -1.55
N PHE B 78 -3.67 -5.45 -1.30
CA PHE B 78 -4.58 -6.09 -2.25
C PHE B 78 -5.75 -5.18 -2.60
N HIS B 79 -6.44 -4.64 -1.59
CA HIS B 79 -7.53 -3.72 -1.88
C HIS B 79 -7.04 -2.45 -2.61
N GLY B 80 -5.87 -1.90 -2.23
CA GLY B 80 -5.38 -0.73 -2.93
C GLY B 80 -5.16 -1.02 -4.41
N LEU B 81 -4.67 -2.21 -4.73
CA LEU B 81 -4.39 -2.54 -6.12
C LEU B 81 -5.68 -2.69 -6.93
N VAL B 82 -6.74 -3.26 -6.34
CA VAL B 82 -8.02 -3.33 -7.05
C VAL B 82 -8.56 -1.94 -7.30
N ARG B 83 -8.51 -1.08 -6.28
CA ARG B 83 -8.99 0.31 -6.47
C ARG B 83 -8.18 1.05 -7.53
N LEU B 84 -6.87 0.83 -7.54
CA LEU B 84 -6.05 1.47 -8.57
C LEU B 84 -6.41 0.96 -9.97
N VAL B 85 -6.61 -0.35 -10.10
CA VAL B 85 -6.92 -0.95 -11.38
C VAL B 85 -8.28 -0.48 -11.86
N HIS B 86 -9.25 -0.40 -10.96
CA HIS B 86 -10.55 0.16 -11.31
C HIS B 86 -10.40 1.61 -11.74
N GLN B 87 -9.52 2.36 -11.07
CA GLN B 87 -9.35 3.78 -11.43
C GLN B 87 -8.80 3.96 -12.86
N GLU B 88 -8.08 2.97 -13.40
CA GLU B 88 -7.49 3.08 -14.74
C GLU B 88 -8.34 2.46 -15.87
N THR B 90 -11.01 0.47 -15.78
CA THR B 90 -12.41 0.47 -15.33
C THR B 90 -13.00 -0.94 -15.28
N LEU B 91 -13.37 -1.38 -14.09
CA LEU B 91 -13.92 -2.71 -13.87
C LEU B 91 -15.44 -2.65 -13.65
N ALA B 92 -16.13 -3.67 -14.15
CA ALA B 92 -17.56 -3.80 -13.94
C ALA B 92 -17.83 -4.55 -12.64
N PHE B 93 -18.71 -3.98 -11.76
CA PHE B 93 -19.11 -4.55 -10.47
C PHE B 93 -20.55 -5.04 -10.51
N PRO B 94 -20.93 -6.08 -9.71
CA PRO B 94 -20.12 -6.81 -8.69
C PRO B 94 -19.03 -7.64 -9.36
N LEU B 95 -17.93 -7.92 -8.68
CA LEU B 95 -16.93 -8.80 -9.24
C LEU B 95 -16.31 -9.63 -8.14
N THR B 96 -15.89 -10.83 -8.52
CA THR B 96 -15.24 -11.71 -7.57
C THR B 96 -13.80 -11.91 -7.99
N ILE B 97 -12.89 -11.81 -7.04
CA ILE B 97 -11.49 -12.09 -7.26
C ILE B 97 -11.10 -13.24 -6.36
N ARG B 98 -10.43 -14.22 -6.92
CA ARG B 98 -9.93 -15.34 -6.16
C ARG B 98 -8.41 -15.34 -6.24
N CYS B 99 -7.77 -15.38 -5.07
CA CYS B 99 -6.34 -15.63 -5.02
C CYS B 99 -6.10 -17.01 -4.42
N PHE B 100 -5.33 -17.82 -5.13
CA PHE B 100 -4.97 -19.13 -4.63
C PHE B 100 -3.45 -19.18 -4.63
N LEU B 101 -2.86 -19.39 -3.45
CA LEU B 101 -1.42 -19.24 -3.28
C LEU B 101 -0.96 -20.26 -2.26
N GLY B 102 0.34 -20.45 -2.21
CA GLY B 102 0.91 -21.36 -1.23
C GLY B 102 2.28 -21.83 -1.64
N CYS B 103 2.74 -22.87 -0.94
CA CYS B 103 4.08 -23.41 -1.12
C CYS B 103 4.04 -24.92 -0.96
N GLU B 104 4.95 -25.61 -1.64
CA GLU B 104 5.06 -27.05 -1.51
C GLU B 104 6.52 -27.46 -1.40
N LEU B 105 6.83 -28.26 -0.36
CA LEU B 105 8.16 -28.70 0.06
C LEU B 105 8.48 -30.10 -0.43
N PRO B 106 9.66 -30.32 -1.07
CA PRO B 106 10.15 -31.63 -1.51
C PRO B 106 10.56 -32.54 -0.34
N HIS B 113 8.82 -25.22 -4.28
CA HIS B 113 8.01 -24.56 -5.32
C HIS B 113 6.77 -23.79 -4.79
N VAL B 114 6.54 -22.58 -5.31
CA VAL B 114 5.48 -21.71 -4.81
C VAL B 114 4.61 -21.21 -5.96
N PHE B 115 3.40 -20.75 -5.60
CA PHE B 115 2.47 -20.29 -6.61
C PHE B 115 1.57 -19.20 -6.04
N PHE B 116 0.99 -18.40 -6.96
CA PHE B 116 0.01 -17.37 -6.57
C PHE B 116 -0.80 -17.10 -7.83
N GLU B 117 -2.03 -17.62 -7.88
CA GLU B 117 -2.84 -17.53 -9.09
C GLU B 117 -4.06 -16.69 -8.76
N VAL B 118 -4.42 -15.79 -9.66
CA VAL B 118 -5.51 -14.85 -9.47
C VAL B 118 -6.52 -15.03 -10.57
N ALA B 119 -7.77 -15.12 -10.16
CA ALA B 119 -8.88 -15.23 -11.10
C ALA B 119 -9.88 -14.13 -10.84
N VAL B 120 -10.57 -13.69 -11.88
CA VAL B 120 -11.59 -12.66 -11.77
C VAL B 120 -12.89 -13.20 -12.37
N ASN B 121 -13.95 -13.19 -11.56
CA ASN B 121 -15.24 -13.77 -11.91
C ASN B 121 -15.10 -15.21 -12.37
N GLY B 122 -14.11 -15.90 -11.81
CA GLY B 122 -13.88 -17.31 -12.08
C GLY B 122 -12.99 -17.64 -13.27
N SER B 123 -12.44 -16.67 -13.99
CA SER B 123 -11.58 -16.99 -15.13
C SER B 123 -10.13 -16.56 -14.83
N SER B 124 -9.19 -17.41 -15.25
CA SER B 124 -7.78 -17.16 -14.98
C SER B 124 -7.39 -15.78 -15.46
N PHE B 125 -6.71 -15.02 -14.60
CA PHE B 125 -6.37 -13.63 -14.89
C PHE B 125 -4.88 -13.35 -14.90
N VAL B 126 -4.20 -13.55 -13.77
CA VAL B 126 -2.77 -13.34 -13.65
C VAL B 126 -2.25 -14.39 -12.69
N SER B 127 -0.96 -14.64 -12.78
CA SER B 127 -0.29 -15.45 -11.78
C SER B 127 1.18 -15.06 -11.70
N PHE B 128 1.77 -15.43 -10.60
CA PHE B 128 3.12 -15.08 -10.20
C PHE B 128 4.06 -16.17 -10.67
N ARG B 129 5.08 -15.78 -11.39
CA ARG B 129 6.12 -16.70 -11.85
C ARG B 129 7.36 -16.47 -11.00
N PRO B 130 7.65 -17.35 -10.03
CA PRO B 130 8.62 -17.00 -8.97
C PRO B 130 10.05 -17.03 -9.40
N GLU B 131 10.39 -17.80 -10.45
CA GLU B 131 11.77 -17.87 -10.88
C GLU B 131 12.31 -16.50 -11.27
N ARG B 132 11.47 -15.64 -11.85
CA ARG B 132 11.88 -14.26 -12.08
C ARG B 132 11.17 -13.23 -11.18
N ALA B 133 10.31 -13.69 -10.26
CA ALA B 133 9.47 -12.81 -9.43
C ALA B 133 8.71 -11.80 -10.27
N LEU B 134 8.08 -12.29 -11.33
CA LEU B 134 7.28 -11.49 -12.24
C LEU B 134 5.90 -12.10 -12.38
N TRP B 135 4.91 -11.25 -12.62
CA TRP B 135 3.55 -11.68 -12.94
C TRP B 135 3.37 -11.78 -14.44
N GLN B 136 2.51 -12.70 -14.85
CA GLN B 136 2.19 -12.94 -16.26
C GLN B 136 0.67 -13.01 -16.39
N ALA B 137 0.20 -12.75 -17.61
CA ALA B 137 -1.21 -12.96 -17.97
C ALA B 137 -1.52 -14.45 -18.05
N ASP B 138 -2.71 -14.85 -17.58
CA ASP B 138 -3.19 -16.22 -17.76
C ASP B 138 -4.42 -16.25 -18.68
N GLN B 140 -7.09 -14.34 -21.08
CA GLN B 140 -8.23 -14.08 -21.97
C GLN B 140 -7.70 -13.51 -23.30
N VAL B 141 -6.44 -13.84 -23.57
CA VAL B 141 -5.78 -13.42 -24.78
C VAL B 141 -5.51 -14.64 -25.65
N GLY B 144 -4.94 -9.39 -22.92
CA GLY B 144 -6.22 -8.71 -22.82
C GLY B 144 -6.11 -7.28 -22.34
N VAL B 145 -7.28 -6.63 -22.22
CA VAL B 145 -7.35 -5.16 -22.24
C VAL B 145 -6.61 -4.50 -21.09
N VAL B 146 -6.72 -5.07 -19.88
CA VAL B 146 -6.17 -4.42 -18.67
C VAL B 146 -4.81 -5.04 -18.37
N THR B 147 -3.81 -4.55 -19.14
CA THR B 147 -2.36 -4.76 -19.01
C THR B 147 -1.80 -3.93 -17.88
N PHE B 148 -2.58 -2.93 -17.48
CA PHE B 148 -2.26 -2.05 -16.39
C PHE B 148 -2.01 -2.86 -15.13
N THR B 149 -2.78 -3.93 -14.94
CA THR B 149 -2.64 -4.71 -13.72
C THR B 149 -1.23 -5.29 -13.61
N LEU B 150 -0.75 -5.88 -14.69
CA LEU B 150 0.58 -6.46 -14.73
C LEU B 150 1.65 -5.38 -14.64
N GLN B 151 1.42 -4.25 -15.30
CA GLN B 151 2.36 -3.13 -15.22
C GLN B 151 2.58 -2.71 -13.77
N GLN B 152 1.50 -2.63 -12.98
CA GLN B 152 1.62 -2.24 -11.58
C GLN B 152 2.31 -3.32 -10.76
N LEU B 153 1.90 -4.57 -10.96
CA LEU B 153 2.41 -5.68 -10.16
C LEU B 153 3.90 -5.91 -10.37
N ASN B 154 4.39 -5.64 -11.59
CA ASN B 154 5.80 -5.86 -11.88
C ASN B 154 6.63 -4.60 -11.71
N ALA B 155 6.03 -3.50 -11.29
CA ALA B 155 6.80 -2.28 -11.17
C ALA B 155 7.40 -2.09 -9.80
N TYR B 156 6.82 -2.69 -8.77
CA TYR B 156 7.18 -2.37 -7.39
C TYR B 156 7.78 -3.56 -6.67
N ASN B 157 8.77 -3.25 -5.84
CA ASN B 157 9.46 -4.33 -5.14
C ASN B 157 8.51 -5.10 -4.22
N ARG B 158 7.52 -4.41 -3.66
CA ARG B 158 6.65 -5.06 -2.69
C ARG B 158 5.78 -6.12 -3.33
N THR B 159 5.39 -5.95 -4.59
CA THR B 159 4.59 -6.96 -5.27
C THR B 159 5.41 -7.99 -6.01
N ARG B 160 6.74 -7.88 -5.99
CA ARG B 160 7.60 -8.89 -6.62
C ARG B 160 8.43 -9.61 -5.62
N TYR B 161 9.41 -8.93 -5.01
CA TYR B 161 10.39 -9.63 -4.20
C TYR B 161 9.89 -9.88 -2.79
N GLU B 162 9.12 -8.94 -2.24
CA GLU B 162 8.53 -9.17 -0.91
C GLU B 162 7.53 -10.30 -0.95
N LEU B 163 6.72 -10.38 -2.02
CA LEU B 163 5.78 -11.50 -2.15
C LEU B 163 6.55 -12.81 -2.29
N ARG B 164 7.59 -12.81 -3.12
CA ARG B 164 8.36 -14.02 -3.31
C ARG B 164 9.00 -14.47 -1.99
N GLU B 165 9.52 -13.52 -1.20
CA GLU B 165 10.07 -13.88 0.11
C GLU B 165 8.98 -14.45 1.03
N PHE B 166 7.76 -13.89 1.02
CA PHE B 166 6.69 -14.50 1.80
C PHE B 166 6.43 -15.95 1.38
N LEU B 167 6.40 -16.20 0.07
CA LEU B 167 6.11 -17.55 -0.41
C LEU B 167 7.28 -18.50 -0.16
N GLU B 168 8.50 -18.06 -0.48
CA GLU B 168 9.66 -18.93 -0.39
C GLU B 168 10.28 -19.01 1.00
N ASP B 169 10.05 -18.05 1.89
CA ASP B 169 10.60 -18.11 3.24
C ASP B 169 9.53 -18.28 4.30
N THR B 170 8.58 -17.34 4.42
CA THR B 170 7.58 -17.41 5.48
C THR B 170 6.68 -18.64 5.31
N CYS B 171 6.15 -18.86 4.08
CA CYS B 171 5.32 -20.03 3.87
C CYS B 171 6.11 -21.31 4.11
N VAL B 172 7.35 -21.34 3.64
CA VAL B 172 8.14 -22.57 3.73
C VAL B 172 8.52 -22.84 5.17
N GLN B 173 8.93 -21.81 5.90
CA GLN B 173 9.25 -22.01 7.30
C GLN B 173 8.01 -22.43 8.11
N TYR B 174 6.82 -21.94 7.74
CA TYR B 174 5.61 -22.32 8.46
C TYR B 174 5.33 -23.80 8.28
N VAL B 175 5.43 -24.30 7.07
CA VAL B 175 5.16 -25.72 6.86
C VAL B 175 6.21 -26.57 7.55
N GLN B 176 7.49 -26.18 7.46
CA GLN B 176 8.54 -26.94 8.15
C GLN B 176 8.32 -26.93 9.67
N LYS B 177 7.91 -25.78 10.22
CA LYS B 177 7.75 -25.66 11.66
C LYS B 177 6.50 -26.38 12.15
N HIS B 178 5.45 -26.43 11.33
CA HIS B 178 4.14 -26.81 11.82
C HIS B 178 3.54 -28.06 11.21
N ILE B 179 4.08 -28.59 10.11
CA ILE B 179 3.45 -29.74 9.49
C ILE B 179 3.56 -31.00 10.34
C1 NAG C . -15.31 -7.44 14.38
C2 NAG C . -15.98 -6.90 15.68
C3 NAG C . -16.00 -7.97 16.78
C4 NAG C . -16.54 -9.28 16.23
C5 NAG C . -15.76 -9.66 14.96
C6 NAG C . -16.27 -10.89 14.29
C7 NAG C . -15.78 -4.51 16.18
C8 NAG C . -14.88 -3.40 16.61
N2 NAG C . -15.24 -5.73 16.13
O3 NAG C . -16.78 -7.53 17.89
O4 NAG C . -16.30 -10.32 17.19
O5 NAG C . -15.91 -8.62 14.00
O6 NAG C . -17.67 -10.77 14.13
O7 NAG C . -16.95 -4.32 15.87
C1 FUC C . -18.04 -11.04 12.77
C2 FUC C . -19.51 -11.43 12.86
C3 FUC C . -20.28 -10.21 13.34
C4 FUC C . -20.06 -9.06 12.30
C5 FUC C . -18.63 -8.73 12.22
C6 FUC C . -18.31 -7.77 11.02
O2 FUC C . -19.67 -12.48 13.73
O3 FUC C . -21.64 -10.50 13.41
O4 FUC C . -20.43 -9.55 11.03
O5 FUC C . -17.84 -9.91 11.94
C1 NAG D . -0.24 18.88 13.42
C2 NAG D . -0.56 19.73 14.68
C3 NAG D . 0.72 20.28 15.31
C4 NAG D . 1.78 19.21 15.48
C5 NAG D . 1.98 18.53 14.14
C6 NAG D . 3.04 17.45 14.16
C7 NAG D . -2.76 20.72 14.12
C8 NAG D . -3.49 21.98 13.76
N2 NAG D . -1.45 20.84 14.33
O3 NAG D . 0.43 20.85 16.59
O4 NAG D . 2.97 19.81 15.96
O5 NAG D . 0.76 17.91 13.73
O6 NAG D . 2.88 16.53 15.22
O7 NAG D . -3.33 19.63 14.23
C1 NAG E . 17.42 8.82 14.08
C2 NAG E . 18.61 7.97 13.62
C3 NAG E . 18.80 6.75 14.52
C4 NAG E . 18.84 7.16 15.99
C5 NAG E . 17.58 7.94 16.33
C6 NAG E . 17.57 8.45 17.75
C7 NAG E . 18.82 8.27 11.18
C8 NAG E . 18.53 7.68 9.84
N2 NAG E . 18.42 7.55 12.24
O3 NAG E . 20.02 6.10 14.20
O4 NAG E . 18.97 6.01 16.83
O5 NAG E . 17.53 9.09 15.48
O6 NAG E . 18.89 8.63 18.24
O7 NAG E . 19.37 9.36 11.31
C1 EDO F . -7.19 -3.48 12.71
O1 EDO F . -6.13 -3.73 13.66
C2 EDO F . -8.43 -3.07 13.49
O2 EDO F . -8.08 -1.93 14.32
C1 NAG G . -5.22 -0.56 15.58
C2 NAG G . -6.27 -0.57 16.73
C3 NAG G . -5.59 -0.53 18.09
C4 NAG G . -4.56 -1.66 18.19
C5 NAG G . -3.56 -1.50 17.04
C6 NAG G . -2.47 -2.54 17.04
N2 NAG G . -7.26 0.49 16.59
O3 NAG G . -6.54 -0.54 19.15
O4 NAG G . -3.96 -1.73 19.48
O5 NAG G . -4.24 -1.58 15.78
O6 NAG G . -2.18 -3.04 15.73
C1 PTY H . -0.73 10.02 -5.13
O4 PTY H . 0.55 10.02 -4.45
C5 PTY H . -3.05 10.92 -4.74
C6 PTY H . -1.81 10.35 -4.10
O7 PTY H . -1.26 11.24 -3.08
C8 PTY H . -1.88 11.37 -1.88
O10 PTY H . -3.00 10.99 -1.64
C11 PTY H . -1.04 12.06 -0.82
C12 PTY H . -1.81 12.34 0.44
C13 PTY H . -1.15 13.34 1.38
C14 PTY H . -0.43 12.74 2.55
C15 PTY H . -0.48 13.55 3.82
C16 PTY H . -1.58 13.18 4.80
C17 PTY H . -1.71 14.13 5.96
C18 PTY H . -2.91 13.96 6.90
C19 PTY H . -4.28 14.36 6.41
C20 PTY H . -4.98 13.36 5.54
C21 PTY H . -6.18 13.89 4.81
C22 PTY H . -5.85 14.99 3.82
C23 PTY H . -6.70 14.98 2.57
C30 PTY H . 1.58 9.46 -5.06
C31 PTY H . 2.84 9.61 -4.24
O30 PTY H . 1.49 8.87 -6.10
C32 PTY H . 3.56 8.33 -4.01
C33 PTY H . 4.55 8.34 -2.84
C34 PTY H . 5.50 9.52 -2.70
C35 PTY H . 6.47 9.30 -1.54
C36 PTY H . 7.43 10.41 -1.15
C37 PTY H . 8.18 10.04 0.12
C38 PTY H . 9.67 10.17 0.04
C39 PTY H . 10.42 9.85 1.32
C40 PTY H . 11.28 8.60 1.22
C41 PTY H . 11.94 8.18 2.50
C42 PTY H . 12.96 7.08 2.36
C43 PTY H . 13.65 6.57 3.59
C44 PTY H . 14.54 7.57 4.31
P1 PTY H . -4.90 10.52 -6.60
O11 PTY H . -4.68 11.97 -7.25
O12 PTY H . -5.90 10.67 -5.48
O13 PTY H . -5.14 9.52 -7.70
O14 PTY H . -3.48 10.16 -5.91
C1 NAG I . -18.67 -10.28 -12.66
C2 NAG I . -18.55 -9.16 -13.73
C3 NAG I . -19.70 -8.16 -13.62
C4 NAG I . -21.04 -8.87 -13.61
C5 NAG I . -21.08 -9.86 -12.46
C6 NAG I . -22.38 -10.63 -12.37
C7 NAG I . -16.30 -8.57 -14.53
C8 NAG I . -15.06 -7.77 -14.27
N2 NAG I . -17.26 -8.47 -13.61
O3 NAG I . -19.66 -7.30 -14.76
O4 NAG I . -22.10 -7.91 -13.48
O5 NAG I . -20.03 -10.82 -12.66
O6 NAG I . -23.46 -9.85 -12.85
O7 NAG I . -16.42 -9.27 -15.54
C1 NAG J . -12.73 -22.31 1.92
C2 NAG J . -13.63 -23.55 2.17
C3 NAG J . -14.57 -23.79 0.98
C4 NAG J . -15.31 -22.52 0.56
C5 NAG J . -14.29 -21.42 0.30
C6 NAG J . -14.90 -20.11 -0.12
C7 NAG J . -12.93 -25.53 3.46
C8 NAG J . -11.97 -26.69 3.51
N2 NAG J . -12.80 -24.72 2.39
O3 NAG J . -15.55 -24.74 1.38
O4 NAG J . -16.07 -22.75 -0.62
O5 NAG J . -13.55 -21.18 1.52
O6 NAG J . -15.13 -19.27 1.01
O7 NAG J . -13.76 -25.32 4.34
C1 PTY K . 3.65 -8.51 3.21
O4 PTY K . 2.78 -8.22 2.08
C5 PTY K . 4.07 -10.25 4.98
C6 PTY K . 3.08 -9.64 4.02
O7 PTY K . 2.58 -10.63 3.08
C8 PTY K . 1.63 -11.49 3.47
O10 PTY K . 1.35 -11.75 4.62
C11 PTY K . 0.98 -11.94 2.20
C12 PTY K . 0.06 -13.09 2.34
C13 PTY K . -1.23 -12.76 3.03
C14 PTY K . -2.23 -13.87 2.92
C15 PTY K . -2.88 -14.00 1.59
C16 PTY K . -4.34 -14.29 1.72
C17 PTY K . -4.62 -15.59 2.40
C18 PTY K . -6.06 -15.79 2.83
C19 PTY K . -6.19 -16.91 3.82
C20 PTY K . -5.65 -16.51 5.16
C21 PTY K . -5.39 -17.62 6.11
C22 PTY K . -4.48 -17.22 7.22
C23 PTY K . -3.05 -17.12 6.81
C24 PTY K . -2.15 -18.19 7.39
C25 PTY K . -0.72 -17.82 7.23
C26 PTY K . 0.24 -18.90 7.61
C27 PTY K . 1.67 -18.44 7.67
C28 PTY K . 2.20 -17.75 6.44
C29 PTY K . 2.29 -18.56 5.18
C30 PTY K . 3.03 -8.85 0.94
C31 PTY K . 1.97 -8.54 -0.10
O30 PTY K . 3.96 -9.60 0.77
C32 PTY K . 2.53 -8.01 -1.34
C33 PTY K . 2.02 -8.68 -2.60
C34 PTY K . 0.53 -8.59 -2.83
C35 PTY K . 0.06 -9.14 -4.15
C36 PTY K . -1.42 -8.92 -4.38
C37 PTY K . -1.93 -9.11 -5.77
C38 PTY K . -3.16 -9.97 -5.90
C39 PTY K . -3.86 -9.85 -7.23
C40 PTY K . -4.27 -8.43 -7.56
C41 PTY K . -5.48 -8.28 -8.43
C42 PTY K . -5.77 -6.85 -8.88
C43 PTY K . -7.11 -6.67 -9.57
C44 PTY K . -7.41 -7.33 -10.88
P1 PTY K . 6.59 -10.92 5.24
O11 PTY K . 6.13 -12.26 6.00
O12 PTY K . 6.79 -9.85 6.28
O13 PTY K . 7.72 -11.30 4.32
O14 PTY K . 5.31 -10.58 4.33
#